data_3C7Q
#
_entry.id   3C7Q
#
_cell.length_a   38.250
_cell.length_b   94.440
_cell.length_c   96.220
_cell.angle_alpha   90.00
_cell.angle_beta   90.00
_cell.angle_gamma   90.00
#
_symmetry.space_group_name_H-M   'P 21 21 21'
#
loop_
_entity.id
_entity.type
_entity.pdbx_description
1 polymer 'Vascular endothelial growth factor receptor 2'
2 non-polymer 'SULFATE ION'
3 non-polymer 'methyl (3Z)-3-{[(4-{methyl[(4-methylpiperazin-1-yl)acetyl]amino}phenyl)amino](phenyl)methylidene}-2-oxo-2,3-dihydro-1H-indole-6-carboxylate'
4 water water
#
_entity_poly.entity_id   1
_entity_poly.type   'polypeptide(L)'
_entity_poly.pdbx_seq_one_letter_code
;GSMDPDELPLDEHCERLPYDASKWEFPRDRLKLGKPLGRGAFGQVIEADAFGIDKTAT(CME)RTVAVKMLKEGATHSEH
RALMSELKILIHIGHHLNVVNLLGACTKPGGPLMVIVEFCKFGNLSTYLRSKRNEFVPYKPEDLYKDFLTLEHLI(CME)
YSFQVAKGMEFLASRK(CME)IHRDLAARNILLSEKNVVKICDFGLARDI(PTR)KDPD(PTR)VRKGDARLPLKWMAPE
TIFDRVYTIQSDVWSFGVLLWEIFSLGASPYPGVKIDEEFCRRLKEGTRMRAPDYTTPEMYQTMLDCWHGEPSQRPTFSE
LVEHLGNLLQANAQQD
;
_entity_poly.pdbx_strand_id   A
#
# COMPACT_ATOMS: atom_id res chain seq x y z
N ARG A 16 7.81 -12.63 19.85
CA ARG A 16 8.90 -13.59 19.39
C ARG A 16 10.33 -13.06 19.65
N LEU A 17 10.75 -12.07 18.85
CA LEU A 17 12.00 -11.31 19.08
C LEU A 17 11.84 -10.42 20.32
N PRO A 18 12.96 -10.05 20.98
CA PRO A 18 12.93 -9.06 22.08
C PRO A 18 12.30 -7.75 21.72
N TYR A 19 11.75 -7.07 22.71
CA TYR A 19 10.91 -5.92 22.53
C TYR A 19 11.34 -4.81 23.48
N ASP A 20 11.78 -3.69 22.91
CA ASP A 20 12.25 -2.58 23.72
C ASP A 20 11.09 -1.72 24.15
N ALA A 21 10.57 -1.98 25.34
CA ALA A 21 9.47 -1.18 25.90
C ALA A 21 9.82 0.28 26.12
N SER A 22 11.11 0.57 26.39
CA SER A 22 11.52 1.96 26.55
C SER A 22 11.19 2.73 25.27
N LYS A 23 11.66 2.21 24.14
CA LYS A 23 11.38 2.83 22.85
C LYS A 23 9.90 2.86 22.46
N TRP A 24 9.15 1.78 22.70
CA TRP A 24 7.86 1.59 22.02
C TRP A 24 6.61 1.62 22.87
N GLU A 25 6.71 1.26 24.15
CA GLU A 25 5.52 1.07 24.94
C GLU A 25 4.85 2.41 25.13
N PHE A 26 3.55 2.49 24.82
CA PHE A 26 2.76 3.73 25.02
C PHE A 26 1.70 3.47 26.09
N PRO A 27 1.47 4.46 26.98
CA PRO A 27 0.57 4.17 28.08
C PRO A 27 -0.87 4.10 27.58
N ARG A 28 -1.60 3.06 27.99
CA ARG A 28 -2.99 2.92 27.59
C ARG A 28 -3.85 4.07 28.03
N ASP A 29 -3.49 4.70 29.15
CA ASP A 29 -4.32 5.81 29.67
C ASP A 29 -4.09 7.12 28.92
N ARG A 30 -3.16 7.15 27.97
CA ARG A 30 -3.07 8.28 27.01
C ARG A 30 -3.65 7.98 25.62
N LEU A 31 -4.35 6.85 25.50
CA LEU A 31 -5.03 6.47 24.27
C LEU A 31 -6.56 6.48 24.42
N LYS A 32 -7.21 7.24 23.61
CA LYS A 32 -8.62 7.23 23.62
C LYS A 32 -9.21 6.79 22.31
N LEU A 33 -9.74 5.59 22.30
CA LEU A 33 -10.26 4.95 21.08
C LEU A 33 -11.58 5.58 20.64
N GLY A 34 -11.76 5.67 19.32
CA GLY A 34 -13.01 6.12 18.69
C GLY A 34 -13.59 5.00 17.85
N LYS A 35 -14.09 5.33 16.66
CA LYS A 35 -14.82 4.33 15.84
C LYS A 35 -13.87 3.51 14.99
N PRO A 36 -14.28 2.28 14.65
CA PRO A 36 -13.47 1.47 13.74
C PRO A 36 -13.31 2.11 12.37
N LEU A 37 -12.10 2.07 11.84
CA LEU A 37 -11.81 2.50 10.49
C LEU A 37 -12.12 1.35 9.55
N GLY A 38 -11.89 0.13 10.05
CA GLY A 38 -12.15 -1.07 9.31
C GLY A 38 -12.02 -2.29 10.21
N ARG A 39 -12.72 -3.34 9.82
CA ARG A 39 -12.77 -4.58 10.59
C ARG A 39 -12.56 -5.72 9.60
N GLY A 40 -11.71 -6.66 9.96
CA GLY A 40 -11.34 -7.73 9.02
C GLY A 40 -11.40 -9.12 9.62
N ALA A 41 -10.99 -10.10 8.83
CA ALA A 41 -11.03 -11.52 9.24
C ALA A 41 -10.32 -11.76 10.58
N PHE A 42 -9.21 -11.06 10.77
CA PHE A 42 -8.26 -11.34 11.86
C PHE A 42 -8.12 -10.19 12.87
N GLY A 43 -8.75 -9.06 12.59
CA GLY A 43 -8.67 -7.95 13.52
C GLY A 43 -9.30 -6.71 12.99
N GLN A 44 -9.12 -5.62 13.73
CA GLN A 44 -9.72 -4.33 13.41
C GLN A 44 -8.73 -3.20 13.56
N VAL A 45 -9.01 -2.08 12.89
CA VAL A 45 -8.21 -0.88 12.96
C VAL A 45 -9.15 0.20 13.43
N ILE A 46 -8.83 0.79 14.59
CA ILE A 46 -9.66 1.83 15.21
C ILE A 46 -9.04 3.20 15.06
N GLU A 47 -9.89 4.20 14.81
CA GLU A 47 -9.44 5.57 14.86
C GLU A 47 -9.28 5.95 16.34
N ALA A 48 -8.25 6.73 16.66
CA ALA A 48 -7.94 7.02 18.05
C ALA A 48 -7.17 8.31 18.19
N ASP A 49 -7.22 8.86 19.41
CA ASP A 49 -6.39 9.98 19.80
C ASP A 49 -5.32 9.55 20.79
N ALA A 50 -4.10 9.97 20.53
CA ALA A 50 -2.99 9.68 21.40
C ALA A 50 -2.36 11.02 21.89
N PHE A 51 -2.20 11.15 23.20
CA PHE A 51 -1.54 12.33 23.76
C PHE A 51 -0.04 12.11 23.84
N GLY A 52 0.71 12.96 23.14
CA GLY A 52 2.14 13.02 23.25
C GLY A 52 2.94 11.88 22.64
N ILE A 53 2.37 11.14 21.70
CA ILE A 53 3.07 10.00 21.07
C ILE A 53 4.31 10.39 20.25
N ASP A 54 4.39 11.65 19.84
CA ASP A 54 5.54 12.13 19.06
C ASP A 54 6.45 12.96 19.93
N LYS A 55 6.29 12.85 21.25
CA LYS A 55 7.09 13.54 22.25
C LYS A 55 6.81 15.04 22.43
N THR A 56 6.03 15.66 21.55
CA THR A 56 5.50 17.00 21.81
C THR A 56 4.25 16.93 22.71
N ALA A 57 3.76 18.10 23.12
CA ALA A 57 2.57 18.21 24.01
C ALA A 57 1.25 18.22 23.24
N THR A 58 1.12 17.32 22.26
CA THR A 58 0.00 17.33 21.32
C THR A 58 -0.86 16.06 21.37
N ARG A 60 -2.57 13.61 18.78
CA ARG A 60 -2.52 13.20 17.36
C ARG A 60 -3.52 12.10 17.13
N THR A 61 -4.23 12.16 16.01
CA THR A 61 -5.09 11.07 15.61
C THR A 61 -4.13 10.02 15.09
N VAL A 62 -4.30 8.78 15.56
CA VAL A 62 -3.50 7.62 15.13
C VAL A 62 -4.46 6.49 14.74
N ALA A 63 -3.94 5.44 14.14
CA ALA A 63 -4.77 4.27 13.91
C ALA A 63 -4.21 3.13 14.79
N VAL A 64 -5.10 2.31 15.37
CA VAL A 64 -4.70 1.26 16.32
C VAL A 64 -5.11 -0.09 15.76
N LYS A 65 -4.14 -0.94 15.50
CA LYS A 65 -4.46 -2.30 15.15
C LYS A 65 -4.68 -3.04 16.47
N MET A 66 -5.80 -3.75 16.57
CA MET A 66 -6.05 -4.56 17.74
C MET A 66 -6.91 -5.76 17.34
N LEU A 67 -7.16 -6.65 18.30
CA LEU A 67 -7.94 -7.84 18.02
C LEU A 67 -9.44 -7.56 18.09
N LYS A 68 -10.20 -8.52 17.61
CA LYS A 68 -11.65 -8.51 17.78
C LYS A 68 -12.02 -9.27 19.06
N GLU A 69 -13.29 -9.14 19.43
CA GLU A 69 -13.82 -9.72 20.66
C GLU A 69 -13.73 -11.27 20.70
N GLY A 70 -13.78 -11.93 19.54
CA GLY A 70 -13.53 -13.38 19.48
C GLY A 70 -12.14 -13.71 19.99
N ALA A 71 -11.15 -13.56 19.10
CA ALA A 71 -9.70 -13.48 19.44
C ALA A 71 -9.04 -14.81 19.84
N THR A 72 -8.50 -15.52 18.85
CA THR A 72 -7.77 -16.78 19.13
C THR A 72 -6.30 -16.47 19.40
N HIS A 73 -5.67 -17.31 20.24
CA HIS A 73 -4.22 -17.21 20.57
C HIS A 73 -3.33 -17.16 19.32
N SER A 74 -3.80 -17.74 18.22
CA SER A 74 -3.15 -17.61 16.91
C SER A 74 -3.33 -16.20 16.32
N GLU A 75 -4.44 -15.55 16.64
CA GLU A 75 -4.71 -14.17 16.19
C GLU A 75 -3.91 -13.17 17.03
N HIS A 76 -3.69 -13.47 18.32
CA HIS A 76 -2.85 -12.67 19.21
C HIS A 76 -1.37 -12.81 18.83
N ARG A 77 -0.95 -14.02 18.51
CA ARG A 77 0.43 -14.29 18.16
C ARG A 77 0.82 -13.60 16.86
N ALA A 78 -0.15 -13.49 15.94
CA ALA A 78 0.04 -12.87 14.62
C ALA A 78 0.22 -11.34 14.69
N LEU A 79 -0.60 -10.69 15.51
CA LEU A 79 -0.49 -9.25 15.72
C LEU A 79 0.85 -8.91 16.37
N MET A 80 1.24 -9.71 17.36
CA MET A 80 2.49 -9.51 18.05
C MET A 80 3.65 -9.80 17.10
N SER A 81 3.43 -10.64 16.09
CA SER A 81 4.45 -10.87 15.06
C SER A 81 4.55 -9.68 14.10
N GLU A 82 3.40 -9.11 13.73
CA GLU A 82 3.35 -7.93 12.89
C GLU A 82 4.02 -6.73 13.59
N LEU A 83 3.73 -6.53 14.87
CA LEU A 83 4.42 -5.52 15.70
C LEU A 83 5.92 -5.68 15.64
N LYS A 84 6.38 -6.91 15.80
CA LYS A 84 7.82 -7.19 15.78
C LYS A 84 8.44 -6.94 14.41
N ILE A 85 7.73 -7.31 13.36
CA ILE A 85 8.18 -7.06 11.99
C ILE A 85 8.18 -5.56 11.69
N LEU A 86 7.17 -4.83 12.18
CA LEU A 86 7.19 -3.37 12.02
C LEU A 86 8.41 -2.75 12.71
N ILE A 87 8.71 -3.17 13.93
CA ILE A 87 9.92 -2.71 14.61
C ILE A 87 11.15 -3.09 13.75
N HIS A 88 11.18 -4.28 13.19
CA HIS A 88 12.30 -4.69 12.31
C HIS A 88 12.43 -3.76 11.08
N ILE A 89 11.35 -3.54 10.34
CA ILE A 89 11.46 -2.69 9.14
C ILE A 89 12.03 -1.31 9.49
N GLY A 90 11.54 -0.71 10.56
CA GLY A 90 11.96 0.64 10.93
C GLY A 90 11.19 1.64 10.11
N HIS A 91 11.56 2.91 10.24
CA HIS A 91 10.81 4.07 9.75
C HIS A 91 11.19 4.46 8.29
N HIS A 92 10.18 4.92 7.54
CA HIS A 92 10.37 5.57 6.25
C HIS A 92 9.12 6.35 5.97
N LEU A 93 9.25 7.50 5.35
CA LEU A 93 8.09 8.37 5.09
C LEU A 93 6.95 7.70 4.28
N ASN A 94 7.30 6.66 3.53
CA ASN A 94 6.44 6.11 2.49
C ASN A 94 6.05 4.65 2.79
N VAL A 95 6.20 4.26 4.06
CA VAL A 95 5.55 3.09 4.64
C VAL A 95 4.62 3.60 5.77
N VAL A 96 3.64 2.80 6.18
CA VAL A 96 2.82 3.14 7.35
C VAL A 96 3.62 2.71 8.59
N ASN A 97 4.02 3.71 9.37
CA ASN A 97 4.94 3.54 10.47
C ASN A 97 4.31 3.18 11.80
N LEU A 98 5.00 2.33 12.57
CA LEU A 98 4.72 2.06 13.98
C LEU A 98 5.00 3.32 14.80
N LEU A 99 4.02 3.76 15.59
CA LEU A 99 4.19 4.88 16.49
C LEU A 99 4.45 4.37 17.93
N GLY A 100 3.86 3.25 18.32
CA GLY A 100 4.03 2.70 19.66
C GLY A 100 3.17 1.48 19.83
N ALA A 101 3.21 0.88 21.01
CA ALA A 101 2.39 -0.29 21.32
C ALA A 101 1.96 -0.31 22.77
N CYS A 102 0.92 -1.09 23.05
CA CYS A 102 0.47 -1.38 24.39
C CYS A 102 0.43 -2.88 24.53
N THR A 103 1.43 -3.43 25.22
CA THR A 103 1.66 -4.89 25.28
C THR A 103 1.66 -5.41 26.71
N LYS A 104 1.68 -4.51 27.69
CA LYS A 104 1.86 -4.83 29.09
C LYS A 104 0.52 -5.24 29.72
N PRO A 105 0.55 -6.16 30.71
CA PRO A 105 -0.67 -6.51 31.46
C PRO A 105 -1.48 -5.28 31.87
N GLY A 106 -2.81 -5.38 31.80
CA GLY A 106 -3.74 -4.26 32.12
C GLY A 106 -4.64 -3.81 30.97
N GLY A 107 -4.62 -4.57 29.88
CA GLY A 107 -5.43 -4.22 28.72
C GLY A 107 -5.15 -4.99 27.43
N PRO A 108 -5.85 -4.58 26.35
CA PRO A 108 -5.68 -5.26 25.07
C PRO A 108 -4.33 -4.97 24.45
N LEU A 109 -3.83 -5.93 23.66
CA LEU A 109 -2.73 -5.70 22.74
C LEU A 109 -3.18 -4.70 21.67
N MET A 110 -2.41 -3.61 21.51
CA MET A 110 -2.72 -2.55 20.55
C MET A 110 -1.44 -2.08 19.90
N VAL A 111 -1.41 -2.14 18.57
CA VAL A 111 -0.29 -1.65 17.76
C VAL A 111 -0.68 -0.32 17.14
N ILE A 112 -0.05 0.77 17.60
CA ILE A 112 -0.46 2.12 17.21
C ILE A 112 0.40 2.53 16.02
N VAL A 113 -0.26 2.88 14.93
CA VAL A 113 0.41 3.18 13.66
C VAL A 113 -0.13 4.48 13.12
N GLU A 114 0.55 5.02 12.10
CA GLU A 114 0.11 6.26 11.46
C GLU A 114 -1.34 6.24 10.88
N PHE A 115 -2.09 7.29 11.14
CA PHE A 115 -3.38 7.56 10.53
C PHE A 115 -3.20 8.32 9.22
N CYS A 116 -3.80 7.77 8.17
CA CYS A 116 -3.76 8.31 6.82
C CYS A 116 -5.16 8.64 6.44
N LYS A 117 -5.50 9.91 6.66
CA LYS A 117 -6.86 10.42 6.68
C LYS A 117 -7.65 10.30 5.37
N PHE A 118 -6.95 10.22 4.24
CA PHE A 118 -7.65 10.17 2.97
C PHE A 118 -8.02 8.77 2.54
N GLY A 119 -7.45 7.76 3.21
CA GLY A 119 -7.83 6.37 3.00
C GLY A 119 -6.99 5.74 1.91
N ASN A 120 -7.42 4.61 1.38
CA ASN A 120 -6.66 3.91 0.33
C ASN A 120 -6.67 4.70 -0.98
N LEU A 121 -5.64 4.49 -1.77
CA LEU A 121 -5.42 5.32 -2.93
C LEU A 121 -6.36 4.99 -4.09
N SER A 122 -6.78 3.73 -4.21
CA SER A 122 -7.68 3.34 -5.31
C SER A 122 -8.98 4.09 -5.26
N THR A 123 -9.59 4.06 -4.09
CA THR A 123 -10.86 4.70 -3.83
C THR A 123 -10.75 6.20 -3.97
N TYR A 124 -9.69 6.75 -3.39
CA TYR A 124 -9.42 8.15 -3.54
C TYR A 124 -9.33 8.60 -5.02
N LEU A 125 -8.57 7.90 -5.83
CA LEU A 125 -8.36 8.33 -7.22
C LEU A 125 -9.69 8.30 -8.01
N ARG A 126 -10.47 7.24 -7.84
CA ARG A 126 -11.80 7.11 -8.46
C ARG A 126 -12.69 8.29 -8.10
N SER A 127 -12.56 8.75 -6.87
CA SER A 127 -13.32 9.93 -6.40
C SER A 127 -12.89 11.27 -7.01
N LYS A 128 -11.74 11.31 -7.68
CA LYS A 128 -11.21 12.55 -8.26
C LYS A 128 -11.29 12.64 -9.79
N ARG A 129 -12.13 11.82 -10.42
CA ARG A 129 -12.17 11.75 -11.89
C ARG A 129 -12.70 12.99 -12.60
N ASN A 130 -13.66 13.68 -12.01
CA ASN A 130 -14.13 14.95 -12.53
C ASN A 130 -13.35 16.13 -11.93
N GLU A 131 -12.32 15.81 -11.15
CA GLU A 131 -11.42 16.80 -10.56
C GLU A 131 -9.97 16.51 -10.96
N PHE A 132 -9.77 16.13 -12.21
CA PHE A 132 -8.43 15.92 -12.77
C PHE A 132 -8.24 16.81 -13.98
N VAL A 133 -7.06 17.39 -14.13
CA VAL A 133 -6.65 18.04 -15.38
C VAL A 133 -5.19 17.70 -15.59
N PRO A 134 -4.78 17.32 -16.82
CA PRO A 134 -3.38 16.98 -17.09
C PRO A 134 -2.42 17.98 -16.47
N TYR A 135 -2.64 19.26 -16.75
CA TYR A 135 -1.96 20.31 -16.00
C TYR A 135 -2.84 21.56 -15.88
N LYS A 136 -2.53 22.38 -14.87
CA LYS A 136 -3.38 23.55 -14.55
C LYS A 136 -3.11 24.71 -15.51
N ASP A 143 -6.56 21.96 -5.41
CA ASP A 143 -7.95 21.66 -5.81
C ASP A 143 -8.09 20.36 -6.63
N PHE A 144 -7.43 20.31 -7.78
CA PHE A 144 -7.57 19.19 -8.73
C PHE A 144 -6.37 18.25 -8.63
N LEU A 145 -6.53 17.03 -9.13
CA LEU A 145 -5.39 16.15 -9.37
C LEU A 145 -4.83 16.47 -10.75
N THR A 146 -3.52 16.28 -10.90
CA THR A 146 -2.83 16.55 -12.13
C THR A 146 -1.82 15.43 -12.33
N LEU A 147 -1.15 15.44 -13.48
CA LEU A 147 -0.07 14.48 -13.74
C LEU A 147 1.00 14.55 -12.68
N GLU A 148 1.22 15.75 -12.15
CA GLU A 148 2.23 15.97 -11.13
C GLU A 148 1.88 15.14 -9.92
N HIS A 149 0.64 15.17 -9.48
CA HIS A 149 0.20 14.35 -8.34
C HIS A 149 0.45 12.89 -8.62
N LEU A 150 0.05 12.43 -9.81
CA LEU A 150 0.12 11.03 -10.16
C LEU A 150 1.53 10.48 -10.28
N ILE A 151 2.45 11.26 -10.84
CA ILE A 151 3.86 10.79 -10.95
C ILE A 151 4.49 10.86 -9.56
N TYR A 153 2.83 10.37 -6.56
CA TYR A 153 2.38 9.16 -5.86
C TYR A 153 3.23 7.97 -6.29
N SER A 154 3.50 7.89 -7.61
CA SER A 154 4.24 6.79 -8.23
C SER A 154 5.70 6.72 -7.75
N PHE A 155 6.36 7.87 -7.73
CA PHE A 155 7.75 8.01 -7.22
C PHE A 155 7.84 7.65 -5.72
N GLN A 156 6.84 8.12 -4.98
CA GLN A 156 6.76 7.85 -3.55
C GLN A 156 6.57 6.38 -3.25
N VAL A 157 5.79 5.67 -4.04
CA VAL A 157 5.61 4.24 -3.77
C VAL A 157 6.92 3.54 -4.12
N ALA A 158 7.62 4.03 -5.14
CA ALA A 158 8.92 3.43 -5.58
C ALA A 158 9.95 3.61 -4.48
N LYS A 159 9.97 4.80 -3.91
CA LYS A 159 10.84 5.15 -2.77
C LYS A 159 10.51 4.29 -1.55
N GLY A 160 9.22 4.11 -1.29
CA GLY A 160 8.76 3.21 -0.26
C GLY A 160 9.22 1.78 -0.46
N MET A 161 9.12 1.28 -1.68
CA MET A 161 9.48 -0.11 -2.01
C MET A 161 10.98 -0.38 -2.08
N GLU A 162 11.74 0.60 -2.55
CA GLU A 162 13.21 0.54 -2.46
C GLU A 162 13.68 0.36 -1.02
N PHE A 163 13.02 1.06 -0.11
CA PHE A 163 13.28 0.97 1.33
C PHE A 163 13.00 -0.47 1.83
N LEU A 164 11.81 -0.99 1.51
CA LEU A 164 11.44 -2.34 1.95
C LEU A 164 12.36 -3.42 1.38
N ALA A 165 12.81 -3.22 0.15
CA ALA A 165 13.81 -4.13 -0.46
C ALA A 165 15.11 -4.13 0.32
N SER A 166 15.50 -2.95 0.81
CA SER A 166 16.70 -2.77 1.62
C SER A 166 16.59 -3.42 3.00
N ARG A 167 15.37 -3.60 3.51
CA ARG A 167 15.16 -4.29 4.76
C ARG A 167 14.97 -5.77 4.51
N LYS A 168 15.19 -6.19 3.26
CA LYS A 168 14.95 -7.56 2.82
C LYS A 168 13.48 -8.02 3.00
N ILE A 170 9.55 -8.47 1.22
CA ILE A 170 8.79 -8.65 -0.01
C ILE A 170 7.36 -8.34 0.40
N HIS A 171 6.64 -7.57 -0.43
CA HIS A 171 5.32 -7.11 -0.03
C HIS A 171 4.25 -8.14 -0.32
N ARG A 172 4.27 -8.67 -1.54
CA ARG A 172 3.41 -9.79 -1.97
C ARG A 172 2.01 -9.39 -2.40
N ASP A 173 1.65 -8.12 -2.21
CA ASP A 173 0.30 -7.68 -2.54
C ASP A 173 0.25 -6.18 -2.78
N LEU A 174 1.17 -5.72 -3.62
CA LEU A 174 1.34 -4.30 -3.86
C LEU A 174 0.23 -3.90 -4.81
N ALA A 175 -0.67 -3.06 -4.34
CA ALA A 175 -1.81 -2.64 -5.12
C ALA A 175 -2.27 -1.31 -4.56
N ALA A 176 -3.02 -0.53 -5.34
CA ALA A 176 -3.36 0.84 -4.92
C ALA A 176 -4.32 0.86 -3.73
N ARG A 177 -5.03 -0.23 -3.50
CA ARG A 177 -5.82 -0.43 -2.28
C ARG A 177 -4.97 -0.47 -1.00
N ASN A 178 -3.76 -0.98 -1.14
CA ASN A 178 -2.81 -1.10 -0.04
C ASN A 178 -1.87 0.08 0.07
N ILE A 179 -2.19 1.17 -0.63
CA ILE A 179 -1.46 2.40 -0.51
C ILE A 179 -2.46 3.36 0.11
N LEU A 180 -2.04 4.03 1.20
CA LEU A 180 -2.86 5.00 1.93
C LEU A 180 -2.38 6.41 1.68
N LEU A 181 -3.30 7.37 1.70
CA LEU A 181 -3.00 8.76 1.43
C LEU A 181 -3.23 9.57 2.70
N SER A 182 -2.19 10.24 3.15
CA SER A 182 -2.33 11.14 4.29
C SER A 182 -2.27 12.56 3.78
N GLU A 183 -2.15 13.49 4.71
CA GLU A 183 -2.04 14.90 4.42
C GLU A 183 -0.77 15.22 3.60
N LYS A 184 -0.82 16.34 2.89
CA LYS A 184 0.28 16.85 2.06
C LYS A 184 0.71 15.92 0.90
N ASN A 185 -0.26 15.13 0.38
CA ASN A 185 -0.06 14.16 -0.73
C ASN A 185 1.05 13.17 -0.50
N VAL A 186 1.23 12.83 0.76
CA VAL A 186 2.11 11.78 1.16
C VAL A 186 1.31 10.50 1.09
N VAL A 187 1.97 9.49 0.54
CA VAL A 187 1.34 8.24 0.24
C VAL A 187 2.27 7.18 0.89
N LYS A 188 1.68 6.12 1.45
CA LYS A 188 2.34 5.19 2.36
C LYS A 188 1.90 3.75 2.06
N ILE A 189 2.86 2.86 1.93
CA ILE A 189 2.63 1.46 1.68
C ILE A 189 2.26 0.76 2.98
N CYS A 190 1.21 -0.05 2.88
CA CYS A 190 0.62 -0.78 3.98
C CYS A 190 0.75 -2.25 3.63
N ASP A 191 1.11 -3.10 4.60
CA ASP A 191 0.85 -4.54 4.41
C ASP A 191 -0.25 -5.00 5.37
N PHE A 192 -1.39 -5.39 4.79
CA PHE A 192 -2.49 -5.97 5.54
C PHE A 192 -2.08 -7.40 5.93
N ASP A 197 -14.69 -8.13 2.30
CA ASP A 197 -13.79 -8.66 1.28
C ASP A 197 -14.02 -10.16 1.10
N ILE A 198 -13.70 -10.91 2.15
CA ILE A 198 -13.99 -12.33 2.20
C ILE A 198 -14.22 -12.94 3.58
N LYS A 200 -16.19 -9.34 4.67
CA LYS A 200 -17.32 -8.44 5.00
C LYS A 200 -18.73 -8.99 4.63
N ASP A 201 -19.71 -8.58 5.45
CA ASP A 201 -21.12 -9.00 5.33
C ASP A 201 -21.71 -8.61 3.97
N PRO A 202 -22.15 -9.60 3.16
CA PRO A 202 -22.65 -9.38 1.81
C PRO A 202 -23.93 -8.55 1.71
N ASP A 203 -24.64 -8.42 2.80
CA ASP A 203 -25.75 -7.52 2.84
C ASP A 203 -25.21 -6.12 2.59
N VAL A 205 -22.00 -5.35 1.18
CA VAL A 205 -21.03 -5.31 0.11
C VAL A 205 -21.58 -4.61 -1.12
N ARG A 206 -20.82 -3.63 -1.63
CA ARG A 206 -21.11 -2.87 -2.85
C ARG A 206 -20.08 -3.10 -3.95
N LYS A 207 -20.37 -2.59 -5.15
CA LYS A 207 -19.53 -2.71 -6.36
C LYS A 207 -17.99 -2.70 -6.35
N GLY A 208 -17.26 -1.82 -5.69
CA GLY A 208 -15.84 -2.08 -5.73
C GLY A 208 -15.26 -2.57 -4.42
N ASP A 209 -16.12 -3.06 -3.53
CA ASP A 209 -15.67 -3.43 -2.20
C ASP A 209 -14.70 -4.60 -2.25
N ALA A 210 -14.40 -5.10 -3.44
CA ALA A 210 -13.35 -6.11 -3.54
C ALA A 210 -12.50 -6.04 -4.80
N ARG A 211 -11.45 -6.84 -4.77
CA ARG A 211 -10.37 -6.79 -5.71
C ARG A 211 -9.90 -8.22 -5.86
N LEU A 212 -9.46 -8.60 -7.06
CA LEU A 212 -8.99 -9.95 -7.33
C LEU A 212 -7.48 -9.92 -7.41
N PRO A 213 -6.79 -10.29 -6.31
CA PRO A 213 -5.33 -10.23 -6.24
C PRO A 213 -4.58 -10.87 -7.39
N LEU A 214 -5.19 -11.84 -8.04
CA LEU A 214 -4.53 -12.55 -9.13
C LEU A 214 -4.08 -11.55 -10.23
N LYS A 215 -4.89 -10.53 -10.46
CA LYS A 215 -4.59 -9.52 -11.44
C LYS A 215 -3.29 -8.71 -11.17
N TRP A 216 -2.71 -8.86 -9.98
CA TRP A 216 -1.48 -8.15 -9.61
C TRP A 216 -0.25 -9.04 -9.56
N MET A 217 -0.46 -10.33 -9.76
CA MET A 217 0.60 -11.34 -9.64
C MET A 217 1.44 -11.53 -10.92
N ALA A 218 2.76 -11.59 -10.75
CA ALA A 218 3.67 -11.83 -11.85
C ALA A 218 3.42 -13.23 -12.37
N PRO A 219 3.64 -13.47 -13.69
CA PRO A 219 3.52 -14.82 -14.25
C PRO A 219 4.20 -15.91 -13.43
N GLU A 220 5.39 -15.65 -12.92
CA GLU A 220 6.09 -16.65 -12.08
C GLU A 220 5.43 -16.90 -10.72
N THR A 221 4.52 -16.02 -10.33
CA THR A 221 3.82 -16.14 -9.05
C THR A 221 2.43 -16.77 -9.20
N ILE A 222 1.69 -16.38 -10.24
CA ILE A 222 0.45 -17.05 -10.67
C ILE A 222 0.76 -18.52 -10.80
N PHE A 223 1.79 -18.79 -11.59
CA PHE A 223 2.14 -20.13 -11.98
C PHE A 223 2.82 -20.87 -10.85
N ASP A 224 4.00 -20.44 -10.44
CA ASP A 224 4.82 -21.19 -9.46
C ASP A 224 4.67 -20.76 -8.01
N ARG A 225 3.80 -19.78 -7.73
CA ARG A 225 3.51 -19.33 -6.35
C ARG A 225 4.71 -18.70 -5.59
N VAL A 226 5.76 -18.35 -6.32
CA VAL A 226 7.01 -17.81 -5.74
C VAL A 226 7.00 -16.28 -5.76
N TYR A 227 7.23 -15.68 -4.58
CA TYR A 227 7.33 -14.25 -4.41
C TYR A 227 8.78 -13.76 -4.27
N THR A 228 9.15 -12.77 -5.08
CA THR A 228 10.43 -12.08 -4.94
C THR A 228 10.21 -10.56 -5.06
N ILE A 229 11.24 -9.77 -4.78
CA ILE A 229 11.15 -8.32 -4.88
C ILE A 229 10.91 -7.85 -6.32
N GLN A 230 11.33 -8.65 -7.28
CA GLN A 230 11.12 -8.40 -8.71
C GLN A 230 9.75 -8.84 -9.18
N SER A 231 9.07 -9.77 -8.48
CA SER A 231 7.63 -9.97 -8.67
C SER A 231 6.83 -8.81 -8.13
N ASP A 232 7.31 -8.19 -7.05
CA ASP A 232 6.73 -6.92 -6.55
C ASP A 232 6.85 -5.77 -7.57
N VAL A 233 7.94 -5.72 -8.32
CA VAL A 233 8.11 -4.82 -9.49
C VAL A 233 7.03 -5.02 -10.57
N TRP A 234 6.67 -6.27 -10.90
CA TRP A 234 5.43 -6.52 -11.70
C TRP A 234 4.17 -5.85 -11.12
N SER A 235 3.86 -6.10 -9.85
CA SER A 235 2.64 -5.53 -9.21
C SER A 235 2.71 -4.02 -9.14
N PHE A 236 3.91 -3.49 -8.95
CA PHE A 236 4.14 -2.03 -9.03
C PHE A 236 3.71 -1.51 -10.39
N GLY A 237 4.01 -2.25 -11.45
CA GLY A 237 3.52 -1.91 -12.81
C GLY A 237 2.00 -1.86 -12.92
N VAL A 238 1.34 -2.87 -12.36
CA VAL A 238 -0.15 -2.92 -12.27
C VAL A 238 -0.66 -1.74 -11.44
N LEU A 239 0.00 -1.47 -10.30
CA LEU A 239 -0.30 -0.27 -9.49
C LEU A 239 -0.17 1.04 -10.25
N LEU A 240 0.90 1.18 -11.03
CA LEU A 240 1.07 2.32 -11.93
C LEU A 240 -0.13 2.47 -12.86
N TRP A 241 -0.51 1.36 -13.50
CA TRP A 241 -1.69 1.34 -14.34
C TRP A 241 -2.91 1.82 -13.56
N GLU A 242 -3.09 1.33 -12.34
CA GLU A 242 -4.20 1.82 -11.51
C GLU A 242 -4.13 3.30 -11.24
N ILE A 243 -2.95 3.82 -10.97
CA ILE A 243 -2.81 5.27 -10.73
C ILE A 243 -3.27 6.06 -11.96
N PHE A 244 -2.82 5.63 -13.15
CA PHE A 244 -3.03 6.40 -14.38
C PHE A 244 -4.35 6.10 -15.15
N SER A 245 -5.15 5.23 -14.55
CA SER A 245 -6.56 5.04 -14.92
C SER A 245 -7.46 5.75 -13.92
N LEU A 246 -6.85 6.44 -12.96
CA LEU A 246 -7.57 7.02 -11.85
C LEU A 246 -8.48 6.01 -11.13
N GLY A 247 -7.92 4.84 -10.81
CA GLY A 247 -8.53 3.88 -9.90
C GLY A 247 -9.49 2.92 -10.55
N ALA A 248 -9.25 2.59 -11.80
CA ALA A 248 -10.01 1.55 -12.48
C ALA A 248 -9.38 0.21 -12.11
N SER A 249 -10.10 -0.87 -12.44
CA SER A 249 -9.70 -2.25 -12.20
C SER A 249 -8.82 -2.73 -13.37
N PRO A 250 -7.70 -3.44 -13.09
CA PRO A 250 -6.87 -3.91 -14.17
C PRO A 250 -7.56 -4.92 -15.08
N TYR A 251 -6.94 -5.15 -16.23
CA TYR A 251 -7.44 -6.06 -17.26
C TYR A 251 -8.94 -5.87 -17.53
N PRO A 252 -9.32 -4.68 -18.01
CA PRO A 252 -10.76 -4.37 -18.17
C PRO A 252 -11.42 -5.32 -19.21
N GLY A 253 -12.64 -5.78 -18.89
CA GLY A 253 -13.34 -6.77 -19.72
C GLY A 253 -12.88 -8.20 -19.44
N VAL A 254 -11.64 -8.51 -19.83
CA VAL A 254 -11.14 -9.90 -19.79
C VAL A 254 -11.52 -10.67 -18.51
N LYS A 255 -11.93 -11.92 -18.69
CA LYS A 255 -12.19 -12.85 -17.59
C LYS A 255 -10.90 -13.58 -17.30
N ILE A 256 -10.70 -13.88 -16.04
CA ILE A 256 -9.42 -14.31 -15.58
C ILE A 256 -9.39 -15.80 -15.42
N ASP A 257 -9.25 -16.52 -16.53
CA ASP A 257 -9.28 -17.99 -16.55
C ASP A 257 -7.92 -18.54 -16.84
N GLU A 258 -7.81 -19.82 -17.15
CA GLU A 258 -6.49 -20.34 -17.30
C GLU A 258 -5.83 -19.94 -18.57
N GLU A 259 -6.60 -19.35 -19.46
CA GLU A 259 -6.01 -18.74 -20.60
C GLU A 259 -5.56 -17.28 -20.57
N PHE A 260 -6.25 -16.40 -19.85
CA PHE A 260 -5.60 -15.23 -19.25
C PHE A 260 -4.18 -15.53 -18.86
N CYS A 261 -4.01 -16.39 -17.89
CA CYS A 261 -2.67 -16.74 -17.47
C CYS A 261 -1.76 -17.05 -18.62
N ARG A 262 -2.24 -17.84 -19.57
CA ARG A 262 -1.43 -18.41 -20.64
C ARG A 262 -0.91 -17.29 -21.49
N ARG A 263 -1.85 -16.46 -21.91
CA ARG A 263 -1.55 -15.26 -22.67
C ARG A 263 -0.59 -14.32 -21.92
N LEU A 264 -0.79 -14.15 -20.62
CA LEU A 264 0.05 -13.30 -19.80
C LEU A 264 1.49 -13.79 -19.84
N LYS A 265 1.70 -15.09 -19.68
CA LYS A 265 3.05 -15.67 -19.70
C LYS A 265 3.72 -15.59 -21.09
N GLU A 266 2.90 -15.40 -22.12
CA GLU A 266 3.37 -15.30 -23.50
C GLU A 266 3.56 -13.88 -24.07
N GLY A 267 3.04 -12.85 -23.41
CA GLY A 267 3.32 -11.48 -23.82
C GLY A 267 2.17 -10.50 -23.88
N THR A 268 0.95 -10.96 -23.68
CA THR A 268 -0.20 -10.06 -23.62
C THR A 268 -0.09 -9.16 -22.38
N ARG A 269 -0.47 -7.90 -22.56
CA ARG A 269 -0.34 -6.86 -21.54
C ARG A 269 -1.49 -5.91 -21.72
N MET A 270 -1.78 -5.16 -20.67
CA MET A 270 -2.85 -4.18 -20.72
C MET A 270 -2.52 -3.02 -21.66
N ARG A 271 -3.58 -2.38 -22.18
CA ARG A 271 -3.49 -1.16 -22.96
C ARG A 271 -3.26 0.06 -22.04
N ALA A 272 -2.85 1.17 -22.62
CA ALA A 272 -2.50 2.36 -21.87
C ALA A 272 -3.78 2.86 -21.25
N PRO A 273 -3.74 3.28 -19.97
CA PRO A 273 -4.97 3.79 -19.41
C PRO A 273 -5.21 5.25 -19.82
N ASP A 274 -6.42 5.74 -19.58
CA ASP A 274 -6.84 7.02 -20.12
C ASP A 274 -6.01 8.25 -19.69
N TYR A 275 -5.24 8.14 -18.60
CA TYR A 275 -4.54 9.31 -18.07
C TYR A 275 -3.02 9.21 -18.09
N THR A 276 -2.49 8.15 -18.68
CA THR A 276 -1.05 7.97 -18.77
C THR A 276 -0.38 8.97 -19.72
N THR A 277 0.90 9.22 -19.45
CA THR A 277 1.80 9.80 -20.43
C THR A 277 2.44 8.60 -21.12
N PRO A 278 3.03 8.82 -22.30
CA PRO A 278 3.81 7.74 -22.97
C PRO A 278 4.96 7.16 -22.15
N GLU A 279 5.64 8.00 -21.37
CA GLU A 279 6.81 7.55 -20.63
C GLU A 279 6.37 6.63 -19.48
N MET A 280 5.24 6.96 -18.91
CA MET A 280 4.68 6.16 -17.82
C MET A 280 4.18 4.82 -18.32
N TYR A 281 3.55 4.80 -19.49
CA TYR A 281 3.13 3.53 -20.07
C TYR A 281 4.35 2.64 -20.42
N GLN A 282 5.39 3.25 -20.97
CA GLN A 282 6.65 2.54 -21.20
C GLN A 282 7.16 1.93 -19.92
N THR A 283 7.04 2.66 -18.81
CA THR A 283 7.49 2.17 -17.51
C THR A 283 6.65 0.97 -16.98
N MET A 284 5.34 1.02 -17.14
CA MET A 284 4.49 -0.15 -16.86
C MET A 284 5.03 -1.38 -17.61
N LEU A 285 5.24 -1.25 -18.91
CA LEU A 285 5.69 -2.35 -19.75
C LEU A 285 7.06 -2.88 -19.36
N ASP A 286 7.94 -1.98 -18.93
CA ASP A 286 9.25 -2.36 -18.36
C ASP A 286 9.06 -3.19 -17.06
N CYS A 287 8.15 -2.75 -16.19
CA CYS A 287 7.84 -3.48 -14.97
C CYS A 287 7.18 -4.83 -15.22
N TRP A 288 6.53 -4.98 -16.37
CA TRP A 288 5.92 -6.22 -16.76
C TRP A 288 6.80 -7.06 -17.67
N HIS A 289 8.10 -6.98 -17.51
CA HIS A 289 8.98 -7.83 -18.31
C HIS A 289 8.65 -9.24 -17.87
N GLY A 290 8.42 -10.12 -18.83
CA GLY A 290 8.23 -11.54 -18.54
C GLY A 290 9.39 -12.19 -17.81
N GLU A 291 10.55 -11.57 -17.88
CA GLU A 291 11.76 -12.11 -17.29
C GLU A 291 12.09 -11.28 -16.05
N PRO A 292 11.96 -11.89 -14.85
CA PRO A 292 12.17 -11.16 -13.62
C PRO A 292 13.45 -10.33 -13.52
N SER A 293 14.60 -10.85 -13.99
CA SER A 293 15.86 -10.11 -13.91
C SER A 293 15.99 -8.93 -14.86
N GLN A 294 15.10 -8.84 -15.84
CA GLN A 294 15.16 -7.79 -16.83
C GLN A 294 14.17 -6.64 -16.49
N ARG A 295 13.48 -6.77 -15.37
CA ARG A 295 12.62 -5.70 -14.83
C ARG A 295 13.44 -4.66 -14.10
N PRO A 296 12.99 -3.37 -14.11
CA PRO A 296 13.86 -2.48 -13.35
C PRO A 296 13.85 -2.81 -11.86
N THR A 297 14.92 -2.45 -11.15
CA THR A 297 14.89 -2.51 -9.70
C THR A 297 14.12 -1.30 -9.17
N PHE A 298 13.78 -1.32 -7.89
CA PHE A 298 13.06 -0.18 -7.30
C PHE A 298 14.01 1.01 -7.18
N SER A 299 15.31 0.73 -7.05
CA SER A 299 16.32 1.79 -7.09
C SER A 299 16.36 2.48 -8.48
N GLU A 300 16.42 1.70 -9.54
CA GLU A 300 16.27 2.25 -10.90
C GLU A 300 14.92 2.91 -11.13
N LEU A 301 13.83 2.37 -10.59
CA LEU A 301 12.53 3.07 -10.74
C LEU A 301 12.48 4.42 -10.02
N VAL A 302 13.13 4.50 -8.88
CA VAL A 302 13.13 5.74 -8.12
C VAL A 302 13.86 6.84 -8.92
N GLU A 303 14.98 6.47 -9.51
CA GLU A 303 15.81 7.39 -10.29
C GLU A 303 15.06 7.86 -11.52
N HIS A 304 14.49 6.91 -12.26
CA HIS A 304 13.77 7.21 -13.48
C HIS A 304 12.51 8.01 -13.23
N LEU A 305 11.77 7.64 -12.18
CA LEU A 305 10.51 8.35 -11.88
C LEU A 305 10.73 9.76 -11.34
N GLY A 306 11.80 9.94 -10.59
CA GLY A 306 12.21 11.31 -10.16
C GLY A 306 12.56 12.22 -11.31
N ASN A 307 13.21 11.67 -12.33
CA ASN A 307 13.47 12.36 -13.61
C ASN A 307 12.20 12.74 -14.32
N LEU A 308 11.32 11.78 -14.47
CA LEU A 308 10.00 12.05 -15.06
C LEU A 308 9.25 13.13 -14.29
N LEU A 309 9.33 13.10 -12.96
CA LEU A 309 8.65 14.07 -12.06
C LEU A 309 9.17 15.50 -12.24
N GLN A 310 10.49 15.62 -12.23
CA GLN A 310 11.21 16.88 -12.46
C GLN A 310 11.01 17.44 -13.88
N ALA A 311 10.91 16.57 -14.88
CA ALA A 311 10.61 16.97 -16.26
C ALA A 311 9.20 17.53 -16.39
N ASN A 312 8.28 16.94 -15.64
CA ASN A 312 6.88 17.27 -15.78
C ASN A 312 6.56 18.70 -15.37
N ALA A 313 7.30 19.23 -14.37
CA ALA A 313 7.07 20.57 -13.82
C ALA A 313 8.09 21.60 -14.34
N GLN A 314 8.89 21.22 -15.35
CA GLN A 314 9.76 22.16 -16.08
C GLN A 314 9.01 23.28 -16.76
N GLN A 315 9.72 24.35 -17.05
CA GLN A 315 9.12 25.46 -17.77
C GLN A 315 9.57 25.54 -19.23
N ASP A 316 9.18 26.62 -19.92
CA ASP A 316 9.70 26.96 -21.24
C ASP A 316 11.21 26.70 -21.29
#